data_3IMA
#
_entry.id   3IMA
#
_cell.length_a   36.060
_cell.length_b   99.720
_cell.length_c   165.590
_cell.angle_alpha   90.00
_cell.angle_beta   90.00
_cell.angle_gamma   90.00
#
_symmetry.space_group_name_H-M   'P 21 21 21'
#
loop_
_entity.id
_entity.type
_entity.pdbx_description
1 polymer Papain
2 polymer 'Cysteine proteinase inhibitor'
3 non-polymer 'ACETATE ION'
4 water water
#
loop_
_entity_poly.entity_id
_entity_poly.type
_entity_poly.pdbx_seq_one_letter_code
_entity_poly.pdbx_strand_id
1 'polypeptide(L)'
;IPEYVDWRQKGAVTPVKNQGSCGS(OCS)WAFSAVVTIEGIIKIRTGNLNEYSEQELLDCDRRSYGCNGGYPWSALQLVA
QYGIHYRNTYPYEGVQRYCRSREKGPYAAKTDGVRQVQPYNEGALLYSIANQPVSVVLEAAGKDFQLYRGGIFVGPCGNK
VDHAVAAVGYGPNYILIKNSWGTGWGENGYIRIKRGTGNSYGVCGLYTSSFYPVKN
;
A,C
2 'polypeptide(L)'
;ALMGGIVDVEGAQNSAEVEELARFAVDEHNKKENALLQFSRLVKAKQQVVSGIMHHLTVEVIEGGKKKVYEAKVWVQAWL
NSKKLHEFSPI
;
B,D
#
# COMPACT_ATOMS: atom_id res chain seq x y z
N ILE A 1 2.69 1.20 3.22
CA ILE A 1 2.97 0.10 2.24
C ILE A 1 3.18 -1.21 3.00
N PRO A 2 3.05 -2.36 2.32
CA PRO A 2 3.23 -3.65 3.01
C PRO A 2 4.57 -3.74 3.72
N GLU A 3 4.67 -4.66 4.67
CA GLU A 3 5.89 -4.83 5.45
C GLU A 3 6.93 -5.60 4.63
N TYR A 4 6.47 -6.54 3.81
CA TYR A 4 7.30 -7.35 2.93
C TYR A 4 6.76 -7.33 1.53
N VAL A 5 7.64 -7.20 0.55
CA VAL A 5 7.23 -7.23 -0.85
C VAL A 5 8.24 -8.12 -1.54
N ASP A 6 7.76 -9.01 -2.42
CA ASP A 6 8.64 -9.88 -3.18
C ASP A 6 7.96 -10.27 -4.48
N TRP A 7 8.20 -9.49 -5.53
CA TRP A 7 7.61 -9.77 -6.84
C TRP A 7 7.86 -11.17 -7.39
N ARG A 8 8.89 -11.85 -6.90
CA ARG A 8 9.12 -13.21 -7.39
C ARG A 8 7.92 -14.07 -6.94
N GLN A 9 7.39 -13.82 -5.75
CA GLN A 9 6.25 -14.60 -5.24
C GLN A 9 4.94 -14.29 -5.99
N LYS A 10 4.92 -13.16 -6.69
CA LYS A 10 3.74 -12.78 -7.45
C LYS A 10 3.89 -13.20 -8.90
N GLY A 11 4.93 -13.96 -9.22
CA GLY A 11 5.15 -14.40 -10.60
C GLY A 11 5.54 -13.28 -11.55
N ALA A 12 6.17 -12.24 -11.04
CA ALA A 12 6.53 -11.11 -11.89
C ALA A 12 8.02 -10.96 -12.22
N VAL A 13 8.80 -11.99 -11.92
CA VAL A 13 10.23 -11.97 -12.19
C VAL A 13 10.68 -13.25 -12.88
N THR A 14 11.42 -13.10 -13.97
CA THR A 14 11.94 -14.22 -14.74
C THR A 14 13.25 -14.69 -14.12
N PRO A 15 13.84 -15.78 -14.65
CA PRO A 15 15.11 -16.30 -14.10
C PRO A 15 16.28 -15.31 -14.20
N VAL A 16 17.17 -15.44 -13.26
CA VAL A 16 18.35 -14.60 -13.21
C VAL A 16 19.15 -14.80 -14.48
N LYS A 17 19.69 -13.70 -15.01
CA LYS A 17 20.49 -13.72 -16.24
C LYS A 17 21.97 -13.41 -15.93
N ASN A 18 22.83 -13.59 -16.93
CA ASN A 18 24.24 -13.28 -16.78
C ASN A 18 24.67 -12.37 -17.93
N GLN A 19 25.11 -11.15 -17.63
CA GLN A 19 25.50 -10.20 -18.68
C GLN A 19 26.92 -10.48 -19.23
N GLY A 20 27.66 -11.41 -18.62
CA GLY A 20 28.99 -11.69 -19.12
C GLY A 20 29.98 -10.53 -19.09
N SER A 21 30.91 -10.55 -20.03
CA SER A 21 31.99 -9.56 -20.12
C SER A 21 31.59 -8.18 -20.67
N CYS A 22 30.35 -8.05 -21.07
CA CYS A 22 29.80 -6.83 -21.66
C CYS A 22 29.24 -5.88 -20.58
N GLY A 23 29.44 -4.57 -20.74
CA GLY A 23 28.95 -3.61 -19.75
C GLY A 23 27.52 -3.25 -20.12
N SER A 24 26.66 -4.27 -20.11
CA SER A 24 25.26 -4.14 -20.48
C SER A 24 24.21 -4.14 -19.35
N TRP A 26 22.78 -1.93 -17.65
CA TRP A 26 21.71 -0.95 -17.82
C TRP A 26 20.55 -1.56 -18.61
N ALA A 27 20.86 -2.39 -19.60
CA ALA A 27 19.81 -3.02 -20.40
C ALA A 27 19.12 -4.13 -19.60
N PHE A 28 19.90 -4.92 -18.88
CA PHE A 28 19.34 -5.99 -18.05
C PHE A 28 18.36 -5.42 -17.01
N SER A 29 18.78 -4.33 -16.39
CA SER A 29 18.01 -3.62 -15.36
C SER A 29 16.68 -3.15 -15.93
N ALA A 30 16.77 -2.48 -17.08
CA ALA A 30 15.57 -2.01 -17.75
C ALA A 30 14.62 -3.19 -18.02
N VAL A 31 15.16 -4.27 -18.57
CA VAL A 31 14.35 -5.43 -18.93
C VAL A 31 13.57 -6.03 -17.76
N VAL A 32 14.23 -6.11 -16.60
CA VAL A 32 13.56 -6.68 -15.41
C VAL A 32 12.32 -5.87 -15.11
N THR A 33 12.45 -4.55 -15.18
CA THR A 33 11.30 -3.71 -14.89
C THR A 33 10.19 -3.84 -15.93
N ILE A 34 10.55 -4.08 -17.20
CA ILE A 34 9.53 -4.24 -18.25
C ILE A 34 8.82 -5.61 -18.05
N GLU A 35 9.60 -6.65 -17.74
CA GLU A 35 9.02 -7.97 -17.50
C GLU A 35 8.04 -7.87 -16.35
N GLY A 36 8.41 -7.08 -15.35
CA GLY A 36 7.57 -6.89 -14.18
C GLY A 36 6.29 -6.10 -14.45
N ILE A 37 6.40 -4.91 -15.04
CA ILE A 37 5.19 -4.15 -15.26
C ILE A 37 4.26 -4.90 -16.21
N ILE A 38 4.82 -5.62 -17.18
CA ILE A 38 3.97 -6.35 -18.11
C ILE A 38 3.21 -7.47 -17.41
N LYS A 39 3.85 -8.13 -16.45
CA LYS A 39 3.15 -9.18 -15.74
C LYS A 39 2.08 -8.53 -14.88
N ILE A 40 2.42 -7.41 -14.26
CA ILE A 40 1.47 -6.72 -13.40
C ILE A 40 0.25 -6.23 -14.19
N ARG A 41 0.47 -5.66 -15.36
CA ARG A 41 -0.64 -5.12 -16.15
C ARG A 41 -1.43 -6.08 -17.03
N THR A 42 -0.83 -7.20 -17.44
CA THR A 42 -1.52 -8.13 -18.34
C THR A 42 -1.70 -9.52 -17.79
N GLY A 43 -1.06 -9.81 -16.66
CA GLY A 43 -1.17 -11.14 -16.09
C GLY A 43 -0.20 -12.15 -16.67
N ASN A 44 0.57 -11.75 -17.68
CA ASN A 44 1.52 -12.70 -18.31
C ASN A 44 2.99 -12.42 -18.02
N LEU A 45 3.77 -13.44 -17.69
CA LEU A 45 5.21 -13.23 -17.46
C LEU A 45 5.99 -13.65 -18.71
N ASN A 46 6.69 -12.69 -19.32
CA ASN A 46 7.46 -12.99 -20.50
C ASN A 46 8.91 -12.49 -20.37
N GLU A 47 9.80 -13.01 -21.21
CA GLU A 47 11.19 -12.57 -21.20
C GLU A 47 11.44 -11.68 -22.43
N TYR A 48 11.97 -10.48 -22.16
CA TYR A 48 12.27 -9.50 -23.20
C TYR A 48 13.77 -9.39 -23.45
N SER A 49 14.11 -8.86 -24.61
CA SER A 49 15.47 -8.75 -25.09
C SER A 49 16.38 -7.64 -24.63
N GLU A 50 17.35 -8.02 -23.78
CA GLU A 50 18.38 -7.09 -23.34
C GLU A 50 19.22 -6.71 -24.57
N GLN A 51 19.48 -7.68 -25.46
CA GLN A 51 20.30 -7.42 -26.65
C GLN A 51 19.71 -6.28 -27.47
N GLU A 52 18.40 -6.29 -27.63
CA GLU A 52 17.74 -5.26 -28.43
C GLU A 52 18.10 -3.87 -27.87
N LEU A 53 18.05 -3.73 -26.54
CA LEU A 53 18.36 -2.44 -25.95
C LEU A 53 19.81 -2.14 -26.09
N LEU A 54 20.64 -3.15 -25.92
CA LEU A 54 22.10 -3.01 -26.07
C LEU A 54 22.47 -2.48 -27.46
N ASP A 55 21.84 -3.04 -28.49
CA ASP A 55 22.12 -2.65 -29.87
C ASP A 55 21.47 -1.36 -30.29
N CYS A 56 20.25 -1.17 -29.81
CA CYS A 56 19.44 -0.04 -30.24
C CYS A 56 19.37 1.27 -29.46
N ASP A 57 19.87 1.32 -28.22
CA ASP A 57 19.79 2.56 -27.45
C ASP A 57 20.98 3.43 -27.83
N ARG A 58 20.74 4.36 -28.75
CA ARG A 58 21.83 5.22 -29.25
C ARG A 58 22.41 6.20 -28.25
N ARG A 59 21.77 6.36 -27.11
CA ARG A 59 22.29 7.25 -26.09
C ARG A 59 23.26 6.49 -25.20
N SER A 60 23.11 5.17 -25.13
CA SER A 60 24.01 4.34 -24.32
C SER A 60 25.25 3.96 -25.14
N TYR A 61 26.22 3.32 -24.52
CA TYR A 61 27.46 3.00 -25.22
C TYR A 61 27.71 1.53 -25.43
N GLY A 62 26.67 0.77 -25.76
CA GLY A 62 26.88 -0.65 -25.99
C GLY A 62 27.50 -1.33 -24.79
N CYS A 63 28.53 -2.14 -25.00
CA CYS A 63 29.16 -2.84 -23.89
C CYS A 63 30.05 -1.96 -23.07
N ASN A 64 30.11 -0.67 -23.41
CA ASN A 64 30.91 0.30 -22.67
C ASN A 64 30.09 1.11 -21.68
N GLY A 65 28.90 0.64 -21.38
CA GLY A 65 28.08 1.33 -20.42
C GLY A 65 26.83 1.95 -21.00
N GLY A 66 25.93 2.39 -20.14
CA GLY A 66 24.70 2.91 -20.66
C GLY A 66 23.85 3.40 -19.54
N TYR A 67 22.62 3.69 -19.91
CA TYR A 67 21.62 4.31 -19.04
C TYR A 67 20.30 3.59 -19.04
N PRO A 68 19.83 3.15 -17.85
CA PRO A 68 18.54 2.46 -17.69
C PRO A 68 17.41 3.39 -18.17
N TRP A 69 17.55 4.68 -17.89
CA TRP A 69 16.49 5.61 -18.33
C TRP A 69 16.35 5.71 -19.86
N SER A 70 17.44 5.80 -20.61
CA SER A 70 17.26 5.89 -22.07
C SER A 70 16.75 4.55 -22.61
N ALA A 71 17.17 3.42 -22.02
CA ALA A 71 16.65 2.13 -22.47
C ALA A 71 15.13 2.07 -22.26
N LEU A 72 14.68 2.57 -21.12
CA LEU A 72 13.25 2.55 -20.81
C LEU A 72 12.49 3.49 -21.73
N GLN A 73 13.11 4.61 -22.11
CA GLN A 73 12.48 5.57 -23.03
C GLN A 73 12.32 4.89 -24.39
N LEU A 74 13.31 4.08 -24.75
CA LEU A 74 13.27 3.35 -26.04
C LEU A 74 12.10 2.37 -26.13
N VAL A 75 11.81 1.70 -25.02
CA VAL A 75 10.72 0.74 -24.96
C VAL A 75 9.38 1.50 -25.01
N ALA A 76 9.33 2.68 -24.40
CA ALA A 76 8.11 3.48 -24.43
C ALA A 76 7.87 3.97 -25.87
N GLN A 77 8.93 4.25 -26.61
CA GLN A 77 8.80 4.74 -28.00
C GLN A 77 8.55 3.68 -29.08
N TYR A 78 9.32 2.59 -29.04
CA TYR A 78 9.26 1.57 -30.06
C TYR A 78 8.89 0.15 -29.58
N GLY A 79 8.70 -0.05 -28.28
CA GLY A 79 8.36 -1.39 -27.80
C GLY A 79 9.60 -2.26 -27.69
N ILE A 80 9.43 -3.55 -27.37
CA ILE A 80 10.58 -4.41 -27.25
C ILE A 80 10.19 -5.80 -27.73
N HIS A 81 11.16 -6.57 -28.20
CA HIS A 81 10.85 -7.92 -28.66
C HIS A 81 11.14 -8.97 -27.59
N TYR A 82 10.67 -10.19 -27.81
CA TYR A 82 10.91 -11.28 -26.89
C TYR A 82 12.38 -11.62 -26.92
N ARG A 83 12.91 -12.03 -25.76
CA ARG A 83 14.31 -12.41 -25.66
C ARG A 83 14.69 -13.56 -26.62
N ASN A 84 13.79 -14.54 -26.78
CA ASN A 84 14.14 -15.68 -27.65
C ASN A 84 14.18 -15.29 -29.13
N THR A 85 13.41 -14.28 -29.54
CA THR A 85 13.45 -13.82 -30.94
C THR A 85 14.72 -12.91 -31.17
N TYR A 86 15.24 -12.32 -30.09
CA TYR A 86 16.41 -11.42 -30.17
C TYR A 86 17.30 -11.77 -28.92
N PRO A 87 18.00 -12.92 -28.96
CA PRO A 87 18.88 -13.45 -27.90
C PRO A 87 20.14 -12.66 -27.56
N TYR A 88 20.63 -12.84 -26.34
CA TYR A 88 21.80 -12.12 -25.86
C TYR A 88 23.09 -12.68 -26.46
N GLU A 89 23.96 -11.79 -26.94
CA GLU A 89 25.21 -12.22 -27.53
C GLU A 89 26.41 -11.75 -26.73
N GLY A 90 26.20 -10.83 -25.80
CA GLY A 90 27.33 -10.37 -25.02
C GLY A 90 28.26 -9.40 -25.75
N VAL A 91 27.84 -8.88 -26.90
CA VAL A 91 28.64 -7.91 -27.67
C VAL A 91 27.61 -7.04 -28.38
N GLN A 92 27.93 -5.77 -28.64
CA GLN A 92 26.94 -4.93 -29.33
C GLN A 92 26.99 -5.16 -30.82
N ARG A 93 25.83 -5.28 -31.45
CA ARG A 93 25.80 -5.43 -32.89
C ARG A 93 24.92 -4.30 -33.38
N TYR A 94 24.48 -4.34 -34.63
CA TYR A 94 23.65 -3.24 -35.16
C TYR A 94 22.21 -3.50 -34.71
N CYS A 95 21.42 -2.44 -34.63
CA CYS A 95 20.05 -2.58 -34.21
C CYS A 95 19.21 -3.38 -35.19
N ARG A 96 18.64 -4.49 -34.75
CA ARG A 96 17.82 -5.23 -35.70
C ARG A 96 16.37 -5.43 -35.27
N SER A 97 15.86 -4.46 -34.51
CA SER A 97 14.45 -4.49 -34.06
C SER A 97 13.48 -4.65 -35.24
N ARG A 98 13.67 -3.80 -36.25
CA ARG A 98 12.80 -3.80 -37.44
C ARG A 98 12.98 -5.02 -38.34
N GLU A 99 13.98 -5.83 -38.05
CA GLU A 99 14.23 -7.04 -38.81
C GLU A 99 13.39 -8.16 -38.21
N LYS A 100 12.85 -7.95 -37.02
CA LYS A 100 12.12 -9.04 -36.36
C LYS A 100 10.64 -9.15 -36.58
N GLY A 101 9.97 -8.03 -36.75
CA GLY A 101 8.54 -8.09 -36.90
C GLY A 101 8.00 -7.21 -35.79
N PRO A 102 6.68 -7.20 -35.58
CA PRO A 102 6.00 -6.40 -34.55
C PRO A 102 6.68 -6.56 -33.19
N TYR A 103 6.64 -5.52 -32.36
CA TYR A 103 7.23 -5.64 -31.04
C TYR A 103 6.36 -6.58 -30.21
N ALA A 104 6.92 -7.05 -29.11
CA ALA A 104 6.21 -7.99 -28.25
C ALA A 104 5.44 -7.20 -27.20
N ALA A 105 6.05 -6.11 -26.75
CA ALA A 105 5.44 -5.28 -25.73
C ALA A 105 5.87 -3.83 -25.87
N LYS A 106 5.04 -2.93 -25.36
CA LYS A 106 5.36 -1.51 -25.39
C LYS A 106 4.88 -0.83 -24.10
N THR A 107 5.67 0.11 -23.58
CA THR A 107 5.28 0.86 -22.40
C THR A 107 4.76 2.25 -22.83
N ASP A 108 4.28 3.03 -21.88
CA ASP A 108 3.73 4.34 -22.16
C ASP A 108 4.54 5.49 -21.65
N GLY A 109 5.56 5.19 -20.84
CA GLY A 109 6.40 6.25 -20.33
C GLY A 109 7.43 5.74 -19.36
N VAL A 110 8.10 6.69 -18.72
CA VAL A 110 9.14 6.43 -17.75
C VAL A 110 9.05 7.46 -16.63
N ARG A 111 9.19 7.02 -15.39
CA ARG A 111 9.16 7.95 -14.26
C ARG A 111 10.40 7.72 -13.41
N GLN A 112 10.84 8.74 -12.71
CA GLN A 112 12.00 8.65 -11.85
C GLN A 112 11.51 8.75 -10.40
N VAL A 113 12.11 7.95 -9.52
CA VAL A 113 11.78 8.02 -8.11
C VAL A 113 12.59 9.21 -7.59
N GLN A 114 12.02 9.99 -6.66
CA GLN A 114 12.79 11.12 -6.10
C GLN A 114 14.07 10.45 -5.52
N PRO A 115 15.27 10.95 -5.88
CA PRO A 115 16.49 10.34 -5.36
C PRO A 115 16.80 10.59 -3.89
N TYR A 116 17.67 9.75 -3.35
CA TYR A 116 18.13 9.87 -1.98
C TYR A 116 16.99 9.82 -0.98
N ASN A 117 15.93 9.11 -1.34
CA ASN A 117 14.78 9.00 -0.49
C ASN A 117 14.41 7.52 -0.35
N GLU A 118 14.76 6.92 0.79
CA GLU A 118 14.48 5.50 0.98
C GLU A 118 12.97 5.19 0.93
N GLY A 119 12.16 6.01 1.57
CA GLY A 119 10.73 5.75 1.54
C GLY A 119 10.08 5.84 0.16
N ALA A 120 10.52 6.78 -0.64
CA ALA A 120 9.97 6.91 -2.00
C ALA A 120 10.30 5.64 -2.82
N LEU A 121 11.52 5.16 -2.67
CA LEU A 121 11.95 3.95 -3.37
C LEU A 121 11.10 2.74 -2.96
N LEU A 122 10.88 2.55 -1.65
CA LEU A 122 10.08 1.41 -1.18
C LEU A 122 8.67 1.52 -1.70
N TYR A 123 8.18 2.75 -1.72
CA TYR A 123 6.83 3.01 -2.18
C TYR A 123 6.68 2.52 -3.61
N SER A 124 7.67 2.85 -4.44
CA SER A 124 7.64 2.46 -5.83
C SER A 124 7.86 0.94 -5.97
N ILE A 125 8.74 0.37 -5.15
CA ILE A 125 8.97 -1.08 -5.21
C ILE A 125 7.65 -1.80 -4.92
N ALA A 126 6.86 -1.25 -4.00
CA ALA A 126 5.57 -1.85 -3.66
C ALA A 126 4.71 -1.93 -4.91
N ASN A 127 4.81 -0.92 -5.78
CA ASN A 127 4.04 -0.90 -7.01
C ASN A 127 4.56 -1.80 -8.13
N GLN A 128 5.88 -1.83 -8.31
CA GLN A 128 6.44 -2.65 -9.39
C GLN A 128 7.96 -2.73 -9.25
N PRO A 129 8.61 -3.63 -10.01
CA PRO A 129 10.06 -3.73 -9.94
C PRO A 129 10.64 -2.39 -10.44
N VAL A 130 11.71 -1.96 -9.81
CA VAL A 130 12.31 -0.66 -10.12
C VAL A 130 13.79 -0.80 -10.50
N SER A 131 14.21 -0.06 -11.53
CA SER A 131 15.63 -0.07 -11.90
C SER A 131 16.37 0.86 -10.94
N VAL A 132 17.40 0.34 -10.28
CA VAL A 132 18.18 1.13 -9.33
C VAL A 132 19.67 0.96 -9.63
N VAL A 133 20.50 1.78 -9.01
CA VAL A 133 21.93 1.74 -9.27
C VAL A 133 22.67 1.71 -7.96
N LEU A 134 23.92 1.26 -8.01
CA LEU A 134 24.72 1.18 -6.81
C LEU A 134 26.18 1.02 -7.20
N GLU A 135 27.05 1.04 -6.21
CA GLU A 135 28.48 0.92 -6.47
C GLU A 135 28.80 -0.55 -6.21
N ALA A 136 29.22 -1.24 -7.24
CA ALA A 136 29.47 -2.67 -7.14
C ALA A 136 30.93 -3.03 -7.36
N ALA A 137 31.74 -2.03 -7.69
CA ALA A 137 33.15 -2.29 -7.93
C ALA A 137 33.94 -2.86 -6.71
N GLY A 138 33.48 -2.60 -5.50
CA GLY A 138 34.21 -3.05 -4.33
C GLY A 138 34.28 -4.55 -4.19
N LYS A 139 35.42 -5.00 -3.69
CA LYS A 139 35.63 -6.44 -3.49
C LYS A 139 34.53 -7.12 -2.65
N ASP A 140 34.03 -6.46 -1.61
CA ASP A 140 33.01 -7.12 -0.81
C ASP A 140 31.75 -7.40 -1.61
N PHE A 141 31.36 -6.44 -2.44
CA PHE A 141 30.18 -6.62 -3.25
C PHE A 141 30.46 -7.75 -4.23
N GLN A 142 31.67 -7.76 -4.78
CA GLN A 142 31.99 -8.77 -5.75
C GLN A 142 31.90 -10.15 -5.12
N LEU A 143 32.37 -10.28 -3.88
CA LEU A 143 32.35 -11.59 -3.22
C LEU A 143 31.08 -11.93 -2.46
N TYR A 144 30.07 -11.08 -2.53
CA TYR A 144 28.85 -11.32 -1.77
C TYR A 144 28.34 -12.75 -1.82
N ARG A 145 28.23 -13.35 -0.63
CA ARG A 145 27.78 -14.73 -0.50
C ARG A 145 26.39 -14.89 0.08
N GLY A 146 25.77 -13.81 0.54
CA GLY A 146 24.46 -13.92 1.13
C GLY A 146 24.31 -13.13 2.41
N GLY A 147 23.09 -13.01 2.93
CA GLY A 147 22.90 -12.23 4.15
C GLY A 147 22.45 -10.82 3.76
N ILE A 148 22.25 -9.94 4.72
CA ILE A 148 21.84 -8.59 4.41
C ILE A 148 23.12 -7.79 4.35
N PHE A 149 23.48 -7.41 3.13
CA PHE A 149 24.73 -6.71 2.83
C PHE A 149 24.76 -5.26 3.31
N VAL A 150 25.86 -4.86 3.95
CA VAL A 150 26.07 -3.47 4.41
C VAL A 150 27.37 -2.97 3.86
N GLY A 151 28.06 -3.77 3.06
CA GLY A 151 29.31 -3.30 2.50
C GLY A 151 30.58 -3.89 3.10
N PRO A 152 31.62 -3.08 3.32
CA PRO A 152 31.65 -1.65 3.01
C PRO A 152 31.56 -1.33 1.52
N CYS A 153 31.17 -0.09 1.19
CA CYS A 153 31.07 0.34 -0.20
C CYS A 153 30.87 1.85 -0.21
N GLY A 154 31.32 2.51 -1.27
CA GLY A 154 31.14 3.96 -1.37
C GLY A 154 29.82 4.26 -2.07
N ASN A 155 29.63 5.49 -2.52
CA ASN A 155 28.40 5.85 -3.20
C ASN A 155 28.62 6.28 -4.62
N LYS A 156 29.80 5.97 -5.16
CA LYS A 156 30.07 6.30 -6.56
C LYS A 156 29.50 5.15 -7.41
N VAL A 157 28.20 5.25 -7.66
CA VAL A 157 27.49 4.22 -8.40
C VAL A 157 28.09 3.92 -9.76
N ASP A 158 28.10 2.64 -10.11
CA ASP A 158 28.71 2.18 -11.34
C ASP A 158 28.00 0.97 -11.95
N HIS A 159 26.92 0.52 -11.35
CA HIS A 159 26.21 -0.67 -11.81
C HIS A 159 24.69 -0.55 -11.70
N ALA A 160 23.95 -0.97 -12.72
CA ALA A 160 22.49 -0.88 -12.67
C ALA A 160 21.91 -2.27 -12.39
N VAL A 161 20.97 -2.36 -11.47
CA VAL A 161 20.34 -3.63 -11.17
C VAL A 161 18.82 -3.35 -10.97
N ALA A 162 18.09 -4.29 -10.39
CA ALA A 162 16.68 -4.09 -10.22
C ALA A 162 16.20 -4.53 -8.86
N ALA A 163 15.47 -3.63 -8.21
CA ALA A 163 14.89 -3.90 -6.89
C ALA A 163 13.55 -4.56 -7.16
N VAL A 164 13.39 -5.78 -6.66
CA VAL A 164 12.14 -6.51 -6.87
C VAL A 164 11.42 -6.80 -5.55
N GLY A 165 11.84 -6.15 -4.47
CA GLY A 165 11.15 -6.38 -3.22
C GLY A 165 11.90 -5.72 -2.09
N TYR A 166 11.40 -5.95 -0.88
CA TYR A 166 12.07 -5.41 0.30
C TYR A 166 11.48 -6.03 1.55
N GLY A 167 12.09 -5.69 2.70
CA GLY A 167 11.62 -6.17 3.98
C GLY A 167 11.92 -5.10 5.01
N PRO A 168 11.64 -5.39 6.30
CA PRO A 168 11.90 -4.43 7.37
C PRO A 168 13.33 -3.88 7.33
N ASN A 169 14.32 -4.72 7.06
CA ASN A 169 15.71 -4.29 7.08
C ASN A 169 16.53 -4.43 5.79
N TYR A 170 15.86 -4.61 4.66
CA TYR A 170 16.62 -4.77 3.42
C TYR A 170 15.78 -4.48 2.20
N ILE A 171 16.47 -4.32 1.07
CA ILE A 171 15.78 -4.16 -0.20
C ILE A 171 16.34 -5.33 -1.00
N LEU A 172 15.42 -6.01 -1.67
CA LEU A 172 15.72 -7.20 -2.48
C LEU A 172 16.05 -6.79 -3.93
N ILE A 173 17.25 -7.19 -4.35
CA ILE A 173 17.77 -6.83 -5.65
C ILE A 173 18.10 -8.02 -6.54
N LYS A 174 17.65 -7.96 -7.80
CA LYS A 174 18.00 -9.00 -8.79
C LYS A 174 19.23 -8.46 -9.55
N ASN A 175 20.37 -9.18 -9.43
CA ASN A 175 21.61 -8.82 -10.11
C ASN A 175 21.63 -9.62 -11.41
N SER A 176 22.55 -9.27 -12.29
CA SER A 176 22.68 -9.90 -13.60
C SER A 176 24.05 -10.58 -13.77
N TRP A 177 24.47 -11.32 -12.75
CA TRP A 177 25.78 -11.97 -12.81
C TRP A 177 25.66 -13.49 -12.72
N GLY A 178 24.53 -14.03 -13.16
CA GLY A 178 24.33 -15.46 -13.08
C GLY A 178 23.82 -15.84 -11.68
N THR A 179 23.41 -17.09 -11.53
CA THR A 179 22.91 -17.57 -10.26
C THR A 179 24.05 -17.98 -9.31
N GLY A 180 25.29 -18.04 -9.81
CA GLY A 180 26.41 -18.44 -8.98
C GLY A 180 26.95 -17.37 -8.06
N TRP A 181 26.37 -16.17 -8.13
CA TRP A 181 26.79 -15.07 -7.30
C TRP A 181 25.68 -14.80 -6.29
N GLY A 182 26.04 -14.34 -5.09
CA GLY A 182 25.03 -14.01 -4.09
C GLY A 182 24.08 -15.13 -3.70
N GLU A 183 22.82 -14.78 -3.45
CA GLU A 183 21.77 -15.75 -3.09
C GLU A 183 21.03 -16.15 -4.35
N ASN A 184 21.63 -17.09 -5.06
CA ASN A 184 21.11 -17.59 -6.34
C ASN A 184 20.90 -16.39 -7.28
N GLY A 185 21.81 -15.42 -7.20
CA GLY A 185 21.77 -14.28 -8.11
C GLY A 185 21.20 -12.99 -7.59
N TYR A 186 20.62 -13.03 -6.39
CA TYR A 186 20.02 -11.87 -5.76
C TYR A 186 20.87 -11.37 -4.61
N ILE A 187 20.58 -10.15 -4.16
CA ILE A 187 21.27 -9.61 -2.98
C ILE A 187 20.26 -8.84 -2.14
N ARG A 188 20.41 -8.96 -0.83
CA ARG A 188 19.56 -8.23 0.10
C ARG A 188 20.52 -7.19 0.64
N ILE A 189 20.18 -5.94 0.39
CA ILE A 189 21.00 -4.86 0.82
C ILE A 189 20.33 -4.16 1.99
N LYS A 190 21.10 -3.93 3.05
CA LYS A 190 20.55 -3.28 4.25
C LYS A 190 19.92 -1.92 3.97
N ARG A 191 18.75 -1.68 4.56
CA ARG A 191 18.09 -0.38 4.43
C ARG A 191 17.88 0.09 5.87
N GLY A 192 17.44 1.35 6.03
CA GLY A 192 17.16 1.86 7.37
C GLY A 192 18.34 2.31 8.21
N THR A 193 19.48 2.59 7.57
CA THR A 193 20.66 3.01 8.30
C THR A 193 20.76 4.52 8.42
N GLY A 194 19.79 5.24 7.87
CA GLY A 194 19.81 6.70 7.94
C GLY A 194 20.82 7.35 7.00
N ASN A 195 21.26 6.58 6.02
CA ASN A 195 22.22 7.03 5.00
C ASN A 195 21.34 7.34 3.77
N SER A 196 21.19 8.63 3.42
CA SER A 196 20.35 9.06 2.29
C SER A 196 20.90 8.65 0.94
N TYR A 197 22.20 8.36 0.87
CA TYR A 197 22.76 7.87 -0.41
C TYR A 197 22.25 6.45 -0.59
N GLY A 198 21.97 5.78 0.54
CA GLY A 198 21.56 4.39 0.53
C GLY A 198 22.86 3.59 0.60
N VAL A 199 22.82 2.36 1.14
CA VAL A 199 24.03 1.54 1.19
C VAL A 199 24.54 1.37 -0.27
N CYS A 200 25.85 1.54 -0.47
CA CYS A 200 26.45 1.47 -1.80
C CYS A 200 25.77 2.49 -2.76
N GLY A 201 25.20 3.57 -2.23
CA GLY A 201 24.59 4.60 -3.08
C GLY A 201 23.33 4.16 -3.79
N LEU A 202 22.71 3.14 -3.22
CA LEU A 202 21.48 2.55 -3.75
C LEU A 202 20.30 3.46 -4.07
N TYR A 203 20.25 4.65 -3.46
CA TYR A 203 19.12 5.55 -3.70
C TYR A 203 19.46 6.63 -4.69
N THR A 204 20.61 6.47 -5.33
CA THR A 204 21.07 7.47 -6.26
C THR A 204 20.23 7.75 -7.50
N SER A 205 19.77 6.71 -8.19
CA SER A 205 19.06 6.97 -9.45
C SER A 205 18.15 5.79 -9.81
N SER A 206 16.86 5.92 -9.51
CA SER A 206 15.89 4.85 -9.76
C SER A 206 14.76 5.25 -10.76
N PHE A 207 14.50 4.39 -11.74
CA PHE A 207 13.46 4.64 -12.73
C PHE A 207 12.57 3.44 -12.87
N TYR A 208 11.36 3.67 -13.34
CA TYR A 208 10.46 2.56 -13.58
C TYR A 208 9.56 2.89 -14.76
N PRO A 209 9.14 1.86 -15.48
CA PRO A 209 8.28 2.00 -16.65
C PRO A 209 6.84 2.26 -16.27
N VAL A 210 6.17 3.05 -17.11
CA VAL A 210 4.76 3.36 -16.94
C VAL A 210 4.01 2.59 -18.03
N LYS A 211 2.96 1.87 -17.66
CA LYS A 211 2.18 1.12 -18.63
C LYS A 211 0.70 1.35 -18.35
N ASN A 212 0.04 2.08 -19.23
CA ASN A 212 -1.39 2.33 -19.10
C ASN A 212 -2.11 0.99 -19.18
N ALA B 1 26.95 9.70 -15.17
CA ALA B 1 27.92 8.58 -15.30
C ALA B 1 27.28 7.33 -15.92
N LEU B 2 28.02 6.68 -16.80
CA LEU B 2 27.53 5.50 -17.46
C LEU B 2 27.52 4.31 -16.52
N MET B 3 26.37 3.65 -16.37
CA MET B 3 26.32 2.47 -15.54
C MET B 3 27.00 1.37 -16.39
N GLY B 4 27.92 0.62 -15.81
CA GLY B 4 28.65 -0.39 -16.58
C GLY B 4 29.73 0.28 -17.45
N GLY B 5 29.98 1.56 -17.19
CA GLY B 5 30.96 2.31 -17.95
C GLY B 5 32.37 2.20 -17.40
N ILE B 6 33.34 2.65 -18.20
CA ILE B 6 34.77 2.61 -17.86
C ILE B 6 35.22 3.85 -17.09
N VAL B 7 35.72 3.65 -15.87
CA VAL B 7 36.18 4.77 -15.05
C VAL B 7 37.57 4.56 -14.48
N ASP B 8 38.28 5.65 -14.25
CA ASP B 8 39.65 5.58 -13.72
C ASP B 8 39.71 5.09 -12.27
N SER B 15 47.30 0.56 -7.12
CA SER B 15 46.76 -0.49 -6.25
C SER B 15 47.60 -1.76 -6.30
N ALA B 16 47.55 -2.53 -5.21
CA ALA B 16 48.31 -3.77 -5.12
C ALA B 16 47.68 -4.83 -6.02
N GLU B 17 46.37 -5.04 -5.90
CA GLU B 17 45.66 -6.00 -6.70
C GLU B 17 45.75 -5.67 -8.18
N VAL B 18 45.58 -4.39 -8.51
CA VAL B 18 45.62 -3.98 -9.91
C VAL B 18 46.99 -4.27 -10.52
N GLU B 19 48.03 -4.08 -9.72
CA GLU B 19 49.39 -4.32 -10.15
C GLU B 19 49.60 -5.78 -10.53
N GLU B 20 49.08 -6.67 -9.71
CA GLU B 20 49.19 -8.11 -9.96
C GLU B 20 48.34 -8.50 -11.16
N LEU B 21 47.24 -7.77 -11.41
CA LEU B 21 46.40 -8.10 -12.56
C LEU B 21 47.17 -7.70 -13.82
N ALA B 22 47.92 -6.60 -13.73
CA ALA B 22 48.68 -6.15 -14.88
C ALA B 22 49.76 -7.19 -15.14
N ARG B 23 50.42 -7.62 -14.07
CA ARG B 23 51.48 -8.64 -14.16
C ARG B 23 50.83 -9.92 -14.68
N PHE B 24 49.62 -10.21 -14.22
CA PHE B 24 48.92 -11.41 -14.68
C PHE B 24 48.67 -11.35 -16.22
N ALA B 25 48.24 -10.20 -16.70
CA ALA B 25 47.98 -10.02 -18.14
C ALA B 25 49.20 -10.30 -18.99
N VAL B 26 50.35 -9.75 -18.58
CA VAL B 26 51.55 -9.99 -19.33
C VAL B 26 51.95 -11.48 -19.26
N ASP B 27 51.92 -12.11 -18.08
CA ASP B 27 52.31 -13.53 -18.02
C ASP B 27 51.36 -14.38 -18.83
N GLU B 28 50.07 -14.04 -18.77
CA GLU B 28 49.07 -14.82 -19.48
C GLU B 28 49.32 -14.73 -20.98
N HIS B 29 49.63 -13.53 -21.43
CA HIS B 29 49.94 -13.26 -22.83
C HIS B 29 51.20 -14.00 -23.25
N ASN B 30 52.24 -13.96 -22.43
CA ASN B 30 53.49 -14.67 -22.75
C ASN B 30 53.21 -16.15 -22.86
N LYS B 31 52.37 -16.68 -21.98
CA LYS B 31 52.06 -18.10 -22.03
C LYS B 31 51.34 -18.50 -23.30
N LYS B 32 50.30 -17.75 -23.64
CA LYS B 32 49.53 -18.04 -24.84
C LYS B 32 50.28 -17.86 -26.16
N GLU B 33 51.13 -16.84 -26.23
CA GLU B 33 51.84 -16.53 -27.48
C GLU B 33 53.32 -16.89 -27.47
N ASN B 34 53.78 -17.64 -26.47
CA ASN B 34 55.21 -17.96 -26.36
C ASN B 34 56.01 -16.68 -26.51
N ALA B 35 55.58 -15.66 -25.78
CA ALA B 35 56.22 -14.37 -25.81
C ALA B 35 57.13 -14.16 -24.61
N LEU B 36 57.99 -13.16 -24.74
CA LEU B 36 58.96 -12.87 -23.72
C LEU B 36 58.82 -11.42 -23.23
N LEU B 37 57.59 -10.93 -23.08
CA LEU B 37 57.43 -9.56 -22.60
C LEU B 37 57.78 -9.46 -21.11
N GLN B 38 58.54 -8.42 -20.78
CA GLN B 38 58.95 -8.12 -19.41
C GLN B 38 58.05 -7.02 -18.87
N PHE B 39 57.28 -7.35 -17.85
CA PHE B 39 56.41 -6.35 -17.25
C PHE B 39 57.26 -5.23 -16.64
N SER B 40 57.10 -4.02 -17.14
CA SER B 40 57.87 -2.92 -16.62
C SER B 40 57.07 -2.13 -15.60
N ARG B 41 55.90 -1.66 -15.99
CA ARG B 41 55.06 -0.91 -15.07
C ARG B 41 53.64 -0.63 -15.57
N LEU B 42 52.76 -0.40 -14.61
CA LEU B 42 51.37 -0.10 -14.89
C LEU B 42 51.30 1.42 -15.06
N VAL B 43 51.10 1.88 -16.28
CA VAL B 43 51.06 3.32 -16.49
C VAL B 43 49.68 3.93 -16.13
N LYS B 44 48.61 3.22 -16.42
CA LYS B 44 47.27 3.74 -16.13
C LYS B 44 46.27 2.61 -15.98
N ALA B 45 45.25 2.80 -15.14
CA ALA B 45 44.25 1.76 -14.89
C ALA B 45 42.86 2.31 -14.76
N LYS B 46 41.93 1.59 -15.36
CA LYS B 46 40.54 1.96 -15.32
C LYS B 46 39.78 0.66 -15.10
N GLN B 47 38.64 0.77 -14.43
CA GLN B 47 37.82 -0.40 -14.17
C GLN B 47 36.39 -0.18 -14.60
N GLN B 48 35.78 -1.28 -14.99
CA GLN B 48 34.42 -1.28 -15.46
C GLN B 48 33.64 -2.45 -14.90
N VAL B 49 32.46 -2.16 -14.36
CA VAL B 49 31.65 -3.23 -13.84
C VAL B 49 30.94 -3.94 -14.98
N VAL B 50 31.10 -5.26 -15.05
CA VAL B 50 30.41 -6.09 -16.05
C VAL B 50 29.85 -7.24 -15.19
N SER B 51 29.85 -8.48 -15.67
CA SER B 51 29.45 -9.55 -14.76
C SER B 51 30.83 -9.71 -14.07
N GLY B 52 31.01 -9.02 -12.97
CA GLY B 52 32.28 -9.03 -12.29
C GLY B 52 32.93 -7.71 -12.65
N ILE B 53 34.25 -7.71 -12.81
CA ILE B 53 34.97 -6.47 -13.16
C ILE B 53 35.89 -6.63 -14.36
N MET B 54 35.88 -5.65 -15.26
CA MET B 54 36.75 -5.70 -16.42
C MET B 54 37.76 -4.59 -16.15
N HIS B 55 39.03 -4.96 -16.02
CA HIS B 55 40.07 -3.98 -15.76
C HIS B 55 40.69 -3.60 -17.09
N HIS B 56 40.76 -2.30 -17.34
CA HIS B 56 41.36 -1.78 -18.56
C HIS B 56 42.69 -1.22 -18.08
N LEU B 57 43.73 -1.99 -18.30
CA LEU B 57 45.07 -1.65 -17.84
C LEU B 57 46.00 -1.20 -18.96
N THR B 58 46.69 -0.07 -18.76
CA THR B 58 47.66 0.39 -19.75
C THR B 58 49.01 0.04 -19.16
N VAL B 59 49.71 -0.85 -19.84
CA VAL B 59 50.94 -1.37 -19.29
C VAL B 59 52.17 -1.26 -20.16
N GLU B 60 53.26 -0.82 -19.53
CA GLU B 60 54.54 -0.71 -20.20
C GLU B 60 55.32 -2.01 -20.03
N VAL B 61 55.81 -2.55 -21.13
CA VAL B 61 56.60 -3.78 -21.10
C VAL B 61 57.87 -3.50 -21.90
N ILE B 62 58.75 -4.49 -21.90
CA ILE B 62 59.99 -4.42 -22.65
C ILE B 62 59.86 -5.58 -23.62
N GLU B 63 59.97 -5.26 -24.90
CA GLU B 63 59.85 -6.24 -25.97
C GLU B 63 61.11 -6.12 -26.79
N GLY B 64 61.98 -7.11 -26.65
CA GLY B 64 63.23 -7.12 -27.38
C GLY B 64 64.15 -5.98 -27.00
N GLY B 65 64.21 -5.67 -25.70
CA GLY B 65 65.05 -4.59 -25.25
C GLY B 65 64.41 -3.23 -25.43
N LYS B 66 63.26 -3.17 -26.11
CA LYS B 66 62.59 -1.87 -26.33
C LYS B 66 61.28 -1.69 -25.54
N LYS B 67 61.09 -0.51 -24.94
CA LYS B 67 59.90 -0.21 -24.16
C LYS B 67 58.67 -0.08 -25.04
N LYS B 68 57.56 -0.70 -24.65
CA LYS B 68 56.33 -0.61 -25.43
C LYS B 68 55.10 -0.61 -24.52
N VAL B 69 54.06 0.10 -24.93
CA VAL B 69 52.85 0.19 -24.12
C VAL B 69 51.70 -0.60 -24.74
N TYR B 70 51.07 -1.43 -23.92
CA TYR B 70 49.96 -2.27 -24.35
C TYR B 70 48.74 -1.99 -23.53
N GLU B 71 47.59 -2.27 -24.14
CA GLU B 71 46.33 -2.13 -23.47
C GLU B 71 45.86 -3.57 -23.17
N ALA B 72 45.66 -3.88 -21.90
CA ALA B 72 45.20 -5.21 -21.52
C ALA B 72 43.83 -5.12 -20.85
N LYS B 73 42.95 -6.08 -21.14
CA LYS B 73 41.65 -6.11 -20.51
C LYS B 73 41.65 -7.40 -19.72
N VAL B 74 41.50 -7.31 -18.41
CA VAL B 74 41.49 -8.50 -17.55
C VAL B 74 40.13 -8.62 -16.90
N TRP B 75 39.44 -9.73 -17.16
CA TRP B 75 38.08 -9.95 -16.67
C TRP B 75 38.09 -10.73 -15.36
N VAL B 76 37.72 -10.07 -14.26
CA VAL B 76 37.73 -10.77 -12.97
C VAL B 76 36.35 -11.04 -12.41
N GLN B 77 36.10 -12.30 -12.06
CA GLN B 77 34.83 -12.70 -11.41
C GLN B 77 35.31 -13.35 -10.10
N ALA B 78 35.42 -12.51 -9.07
CA ALA B 78 35.97 -12.91 -7.78
C ALA B 78 35.28 -14.10 -7.10
N TRP B 79 33.95 -14.11 -7.14
CA TRP B 79 33.19 -15.15 -6.50
C TRP B 79 33.43 -16.54 -7.10
N LEU B 80 33.92 -16.57 -8.32
CA LEU B 80 34.21 -17.82 -9.03
C LEU B 80 35.72 -18.10 -9.03
N ASN B 81 36.47 -17.23 -8.35
CA ASN B 81 37.92 -17.30 -8.32
C ASN B 81 38.43 -17.29 -9.78
N SER B 82 37.74 -16.57 -10.66
CA SER B 82 38.11 -16.52 -12.06
C SER B 82 38.79 -15.19 -12.47
N LYS B 83 39.76 -15.30 -13.36
CA LYS B 83 40.54 -14.17 -13.79
C LYS B 83 40.94 -14.52 -15.22
N LYS B 84 40.53 -13.72 -16.18
CA LYS B 84 40.87 -14.02 -17.58
C LYS B 84 41.42 -12.84 -18.37
N LEU B 85 42.43 -13.11 -19.21
CA LEU B 85 42.99 -12.10 -20.07
C LEU B 85 41.99 -12.02 -21.22
N HIS B 86 41.24 -10.93 -21.29
CA HIS B 86 40.21 -10.78 -22.31
C HIS B 86 40.73 -10.21 -23.63
N GLU B 87 41.69 -9.30 -23.53
CA GLU B 87 42.28 -8.66 -24.69
C GLU B 87 43.66 -8.14 -24.33
N PHE B 88 44.54 -8.07 -25.34
CA PHE B 88 45.90 -7.61 -25.13
C PHE B 88 46.41 -7.11 -26.49
N SER B 89 46.75 -5.82 -26.57
CA SER B 89 47.26 -5.26 -27.83
C SER B 89 47.83 -3.88 -27.62
N PRO B 90 48.79 -3.49 -28.48
CA PRO B 90 49.47 -2.19 -28.41
C PRO B 90 48.50 -1.00 -28.33
N ILE C 1 -3.25 -6.19 -1.32
CA ILE C 1 -3.77 -6.66 0.00
C ILE C 1 -4.41 -8.03 -0.20
N PRO C 2 -4.62 -8.77 0.89
CA PRO C 2 -5.23 -10.10 0.80
C PRO C 2 -6.57 -10.17 0.06
N GLU C 3 -7.02 -11.39 -0.23
CA GLU C 3 -8.29 -11.62 -0.92
C GLU C 3 -9.40 -11.43 0.10
N TYR C 4 -9.20 -11.98 1.30
CA TYR C 4 -10.15 -11.89 2.40
C TYR C 4 -9.50 -11.33 3.66
N VAL C 5 -10.26 -10.50 4.37
CA VAL C 5 -9.82 -9.90 5.63
C VAL C 5 -10.96 -9.97 6.66
N ASP C 6 -10.67 -10.52 7.84
CA ASP C 6 -11.65 -10.61 8.93
C ASP C 6 -10.92 -10.45 10.28
N TRP C 7 -10.89 -9.22 10.79
CA TRP C 7 -10.19 -8.93 12.05
C TRP C 7 -10.65 -9.71 13.25
N ARG C 8 -11.78 -10.40 13.11
CA ARG C 8 -12.31 -11.22 14.20
C ARG C 8 -11.43 -12.45 14.37
N GLN C 9 -10.88 -12.95 13.26
CA GLN C 9 -10.05 -14.16 13.32
C GLN C 9 -8.74 -13.89 14.00
N LYS C 10 -8.42 -12.60 14.10
CA LYS C 10 -7.19 -12.14 14.73
C LYS C 10 -7.47 -11.83 16.22
N GLY C 11 -8.76 -11.77 16.57
CA GLY C 11 -9.11 -11.48 17.94
C GLY C 11 -8.99 -10.01 18.27
N ALA C 12 -9.24 -9.17 17.27
CA ALA C 12 -9.17 -7.71 17.39
C ALA C 12 -10.56 -7.07 17.36
N VAL C 13 -11.59 -7.86 17.62
CA VAL C 13 -12.95 -7.33 17.56
C VAL C 13 -13.74 -7.81 18.75
N THR C 14 -14.41 -6.88 19.43
CA THR C 14 -15.21 -7.22 20.58
C THR C 14 -16.59 -7.64 20.10
N PRO C 15 -17.42 -8.16 21.00
CA PRO C 15 -18.77 -8.57 20.58
C PRO C 15 -19.67 -7.42 20.17
N VAL C 16 -20.63 -7.73 19.32
CA VAL C 16 -21.58 -6.73 18.82
C VAL C 16 -22.25 -6.03 20.00
N LYS C 17 -22.45 -4.72 19.85
CA LYS C 17 -23.08 -3.88 20.87
C LYS C 17 -24.37 -3.30 20.32
N ASN C 18 -25.18 -2.70 21.20
CA ASN C 18 -26.45 -2.08 20.77
C ASN C 18 -26.54 -0.64 21.24
N GLN C 19 -26.59 0.33 20.33
CA GLN C 19 -26.67 1.73 20.72
C GLN C 19 -28.05 2.13 21.26
N GLY C 20 -29.06 1.28 21.07
CA GLY C 20 -30.39 1.61 21.57
C GLY C 20 -31.04 2.82 20.90
N SER C 21 -31.88 3.54 21.62
CA SER C 21 -32.59 4.69 21.03
C SER C 21 -31.81 6.00 20.92
N CYS C 22 -30.53 5.96 21.24
CA CYS C 22 -29.66 7.14 21.21
C CYS C 22 -28.87 7.22 19.89
N GLY C 23 -28.80 8.40 19.27
CA GLY C 23 -28.03 8.53 18.04
C GLY C 23 -26.53 8.63 18.37
N SER C 24 -25.95 7.54 18.85
CA SER C 24 -24.57 7.48 19.27
C SER C 24 -23.64 6.59 18.42
N TRP C 26 -21.70 7.27 15.96
CA TRP C 26 -20.38 7.85 15.72
C TRP C 26 -19.41 7.43 16.81
N ALA C 27 -19.93 7.30 18.03
CA ALA C 27 -19.13 6.89 19.17
C ALA C 27 -18.85 5.40 19.14
N PHE C 28 -19.87 4.59 18.81
CA PHE C 28 -19.69 3.13 18.71
C PHE C 28 -18.71 2.85 17.58
N SER C 29 -18.92 3.49 16.44
CA SER C 29 -18.02 3.32 15.30
C SER C 29 -16.55 3.56 15.70
N ALA C 30 -16.32 4.66 16.42
CA ALA C 30 -14.98 5.03 16.85
C ALA C 30 -14.37 4.02 17.81
N VAL C 31 -15.16 3.59 18.78
CA VAL C 31 -14.65 2.64 19.75
C VAL C 31 -14.27 1.32 19.06
N VAL C 32 -15.01 0.90 18.04
CA VAL C 32 -14.62 -0.33 17.38
C VAL C 32 -13.16 -0.20 16.87
N THR C 33 -12.84 0.90 16.20
CA THR C 33 -11.49 1.11 15.65
C THR C 33 -10.44 1.18 16.74
N ILE C 34 -10.77 1.77 17.89
CA ILE C 34 -9.81 1.87 18.96
C ILE C 34 -9.49 0.51 19.54
N GLU C 35 -10.52 -0.31 19.76
CA GLU C 35 -10.31 -1.66 20.29
C GLU C 35 -9.41 -2.41 19.32
N GLY C 36 -9.66 -2.23 18.02
CA GLY C 36 -8.85 -2.89 17.01
C GLY C 36 -7.37 -2.50 17.01
N ILE C 37 -7.08 -1.21 16.80
CA ILE C 37 -5.70 -0.75 16.75
C ILE C 37 -4.95 -1.09 18.02
N ILE C 38 -5.63 -1.06 19.15
CA ILE C 38 -4.95 -1.37 20.40
C ILE C 38 -4.57 -2.86 20.45
N LYS C 39 -5.44 -3.71 19.93
CA LYS C 39 -5.16 -5.14 19.92
C LYS C 39 -4.01 -5.39 18.97
N ILE C 40 -4.09 -4.75 17.80
CA ILE C 40 -3.07 -4.88 16.77
C ILE C 40 -1.68 -4.44 17.24
N ARG C 41 -1.60 -3.37 18.02
CA ARG C 41 -0.30 -2.89 18.47
C ARG C 41 0.16 -3.43 19.81
N THR C 42 -0.78 -3.80 20.70
CA THR C 42 -0.38 -4.29 22.00
C THR C 42 -0.68 -5.76 22.18
N GLY C 43 -1.49 -6.30 21.29
CA GLY C 43 -1.85 -7.71 21.38
C GLY C 43 -2.86 -7.98 22.48
N ASN C 44 -3.42 -6.92 23.04
CA ASN C 44 -4.43 -7.08 24.08
C ASN C 44 -5.72 -6.46 23.58
N LEU C 45 -6.78 -7.26 23.54
CA LEU C 45 -8.10 -6.81 23.10
C LEU C 45 -8.90 -6.43 24.35
N ASN C 46 -9.33 -5.17 24.40
CA ASN C 46 -10.11 -4.65 25.52
C ASN C 46 -11.35 -3.96 24.96
N GLU C 47 -12.33 -3.67 25.82
CA GLU C 47 -13.52 -2.95 25.37
C GLU C 47 -13.41 -1.55 25.96
N TYR C 48 -13.68 -0.53 25.14
CA TYR C 48 -13.59 0.84 25.61
C TYR C 48 -14.97 1.50 25.65
N SER C 49 -15.01 2.63 26.33
CA SER C 49 -16.24 3.36 26.55
C SER C 49 -16.77 4.27 25.46
N GLU C 50 -17.91 3.86 24.90
CA GLU C 50 -18.62 4.65 23.88
C GLU C 50 -19.27 5.79 24.66
N GLN C 51 -19.70 5.49 25.88
CA GLN C 51 -20.34 6.47 26.77
C GLN C 51 -19.44 7.69 27.01
N GLU C 52 -18.17 7.45 27.26
CA GLU C 52 -17.23 8.54 27.50
C GLU C 52 -17.21 9.43 26.26
N LEU C 53 -17.21 8.85 25.07
CA LEU C 53 -17.20 9.63 23.84
C LEU C 53 -18.53 10.37 23.72
N LEU C 54 -19.64 9.68 23.99
CA LEU C 54 -20.95 10.33 23.94
C LEU C 54 -21.00 11.57 24.86
N ASP C 55 -20.48 11.44 26.09
CA ASP C 55 -20.49 12.52 27.08
C ASP C 55 -19.43 13.59 26.93
N CYS C 56 -18.24 13.20 26.47
CA CYS C 56 -17.10 14.13 26.39
C CYS C 56 -16.71 14.77 25.08
N ASP C 57 -17.14 14.21 23.95
CA ASP C 57 -16.84 14.80 22.65
C ASP C 57 -17.81 15.97 22.47
N ARG C 58 -17.40 17.18 22.83
CA ARG C 58 -18.34 18.28 22.74
C ARG C 58 -18.52 18.91 21.40
N ARG C 59 -17.79 18.36 20.42
CA ARG C 59 -17.93 18.76 19.05
C ARG C 59 -19.23 18.05 18.63
N SER C 60 -19.45 16.84 19.12
CA SER C 60 -20.68 16.14 18.75
C SER C 60 -21.88 16.58 19.59
N TYR C 61 -23.05 16.08 19.22
CA TYR C 61 -24.29 16.47 19.86
C TYR C 61 -24.98 15.37 20.66
N GLY C 62 -24.21 14.60 21.43
CA GLY C 62 -24.78 13.55 22.24
C GLY C 62 -25.64 12.59 21.44
N CYS C 63 -26.86 12.33 21.89
CA CYS C 63 -27.71 11.39 21.18
C CYS C 63 -28.36 12.01 19.96
N ASN C 64 -27.97 13.23 19.62
CA ASN C 64 -28.53 13.86 18.44
C ASN C 64 -27.58 13.80 17.25
N GLY C 65 -26.57 12.94 17.31
CA GLY C 65 -25.65 12.83 16.18
C GLY C 65 -24.27 13.33 16.57
N GLY C 66 -23.28 12.88 15.81
CA GLY C 66 -21.90 13.26 16.08
C GLY C 66 -20.98 12.88 14.93
N TYR C 67 -19.69 13.10 15.15
CA TYR C 67 -18.67 12.85 14.13
C TYR C 67 -17.64 11.80 14.57
N PRO C 68 -17.52 10.73 13.81
CA PRO C 68 -16.54 9.71 14.20
C PRO C 68 -15.14 10.35 14.29
N TRP C 69 -14.88 11.36 13.48
CA TRP C 69 -13.57 11.96 13.54
C TRP C 69 -13.31 12.83 14.75
N SER C 70 -14.31 13.55 15.26
CA SER C 70 -14.01 14.35 16.44
C SER C 70 -13.86 13.39 17.64
N ALA C 71 -14.59 12.28 17.63
CA ALA C 71 -14.49 11.35 18.75
C ALA C 71 -13.09 10.77 18.79
N LEU C 72 -12.57 10.40 17.62
CA LEU C 72 -11.25 9.83 17.50
C LEU C 72 -10.16 10.82 17.91
N GLN C 73 -10.40 12.12 17.67
CA GLN C 73 -9.43 13.18 18.01
C GLN C 73 -9.38 13.31 19.53
N LEU C 74 -10.57 13.22 20.13
CA LEU C 74 -10.67 13.27 21.57
C LEU C 74 -9.80 12.17 22.21
N VAL C 75 -9.88 10.95 21.69
CA VAL C 75 -9.06 9.87 22.24
C VAL C 75 -7.56 10.09 22.02
N ALA C 76 -7.18 10.75 20.93
CA ALA C 76 -5.76 11.01 20.69
C ALA C 76 -5.25 12.13 21.62
N GLN C 77 -6.15 13.06 21.96
CA GLN C 77 -5.79 14.18 22.83
C GLN C 77 -5.82 13.81 24.31
N TYR C 78 -6.85 13.10 24.73
CA TYR C 78 -6.98 12.75 26.13
C TYR C 78 -6.81 11.28 26.36
N GLY C 79 -7.57 10.46 25.64
CA GLY C 79 -7.47 9.04 25.85
C GLY C 79 -8.86 8.49 26.06
N ILE C 80 -8.96 7.23 26.50
CA ILE C 80 -10.25 6.64 26.72
C ILE C 80 -10.19 5.57 27.82
N HIS C 81 -11.31 5.41 28.52
CA HIS C 81 -11.39 4.47 29.63
C HIS C 81 -12.05 3.18 29.22
N TYR C 82 -11.81 2.12 30.00
CA TYR C 82 -12.39 0.80 29.74
C TYR C 82 -13.89 0.91 29.80
N ARG C 83 -14.58 0.07 29.03
CA ARG C 83 -16.03 0.10 29.01
C ARG C 83 -16.64 -0.16 30.39
N ASN C 84 -16.02 -1.07 31.14
CA ASN C 84 -16.56 -1.40 32.44
C ASN C 84 -16.40 -0.25 33.44
N THR C 85 -15.40 0.60 33.26
CA THR C 85 -15.25 1.67 34.22
C THR C 85 -16.19 2.85 33.90
N TYR C 86 -16.70 2.87 32.68
CA TYR C 86 -17.57 3.96 32.20
C TYR C 86 -18.57 3.30 31.23
N PRO C 87 -19.53 2.52 31.77
CA PRO C 87 -20.57 1.79 31.00
C PRO C 87 -21.57 2.62 30.22
N TYR C 88 -22.11 2.02 29.18
CA TYR C 88 -23.09 2.68 28.30
C TYR C 88 -24.45 2.82 28.97
N GLU C 89 -24.99 4.03 28.90
CA GLU C 89 -26.30 4.33 29.51
C GLU C 89 -27.39 4.64 28.49
N GLY C 90 -27.02 4.76 27.22
CA GLY C 90 -28.02 5.06 26.22
C GLY C 90 -28.56 6.47 26.26
N VAL C 91 -27.91 7.36 27.00
CA VAL C 91 -28.30 8.76 27.12
C VAL C 91 -27.05 9.56 27.49
N GLN C 92 -26.94 10.78 26.98
CA GLN C 92 -25.79 11.61 27.27
C GLN C 92 -25.91 12.25 28.64
N ARG C 93 -24.82 12.21 29.39
CA ARG C 93 -24.74 12.80 30.73
C ARG C 93 -23.55 13.75 30.64
N TYR C 94 -23.14 14.31 31.77
CA TYR C 94 -22.00 15.20 31.73
C TYR C 94 -20.73 14.33 31.63
N CYS C 95 -19.66 14.93 31.12
CA CYS C 95 -18.39 14.22 30.94
C CYS C 95 -17.79 13.86 32.28
N ARG C 96 -17.56 12.57 32.49
CA ARG C 96 -17.04 12.01 33.73
C ARG C 96 -15.65 11.38 33.62
N SER C 97 -14.97 11.62 32.49
CA SER C 97 -13.64 11.09 32.23
C SER C 97 -12.60 11.36 33.32
N ARG C 98 -12.54 12.60 33.76
CA ARG C 98 -11.56 12.97 34.74
C ARG C 98 -11.83 12.42 36.13
N GLU C 99 -13.01 11.84 36.34
CA GLU C 99 -13.39 11.27 37.65
C GLU C 99 -12.96 9.80 37.78
N LYS C 100 -12.60 9.22 36.66
CA LYS C 100 -12.23 7.83 36.57
C LYS C 100 -10.74 7.57 36.68
N GLY C 101 -9.95 8.58 36.95
CA GLY C 101 -8.53 8.31 37.04
C GLY C 101 -7.91 8.18 35.66
N PRO C 102 -6.67 7.69 35.58
CA PRO C 102 -5.95 7.52 34.33
C PRO C 102 -6.73 6.83 33.22
N TYR C 103 -6.50 7.28 32.00
CA TYR C 103 -7.14 6.69 30.84
C TYR C 103 -6.56 5.29 30.71
N ALA C 104 -7.28 4.44 30.00
CA ALA C 104 -6.85 3.07 29.77
C ALA C 104 -6.01 3.00 28.50
N ALA C 105 -6.39 3.75 27.47
CA ALA C 105 -5.64 3.73 26.22
C ALA C 105 -5.64 5.10 25.60
N LYS C 106 -4.59 5.41 24.86
CA LYS C 106 -4.48 6.71 24.18
C LYS C 106 -3.87 6.48 22.79
N THR C 107 -4.41 7.15 21.79
CA THR C 107 -3.88 6.95 20.45
C THR C 107 -2.97 8.14 20.14
N ASP C 108 -2.36 8.12 18.96
CA ASP C 108 -1.44 9.20 18.58
C ASP C 108 -1.88 9.95 17.35
N GLY C 109 -3.13 9.77 16.96
CA GLY C 109 -3.58 10.49 15.79
C GLY C 109 -4.82 9.89 15.16
N VAL C 110 -5.34 10.61 14.18
CA VAL C 110 -6.52 10.21 13.41
C VAL C 110 -6.21 10.46 11.94
N ARG C 111 -6.49 9.48 11.09
CA ARG C 111 -6.26 9.62 9.66
C ARG C 111 -7.54 9.39 8.85
N GLN C 112 -7.69 10.13 7.77
CA GLN C 112 -8.85 9.98 6.90
C GLN C 112 -8.45 9.25 5.60
N VAL C 113 -9.26 8.28 5.19
CA VAL C 113 -8.96 7.56 3.95
C VAL C 113 -9.37 8.49 2.82
N GLN C 114 -8.73 8.39 1.65
CA GLN C 114 -9.12 9.22 0.50
C GLN C 114 -10.59 8.86 0.23
N PRO C 115 -11.46 9.86 0.07
CA PRO C 115 -12.89 9.63 -0.19
C PRO C 115 -13.31 9.22 -1.60
N TYR C 116 -14.46 8.55 -1.68
CA TYR C 116 -15.00 8.10 -2.93
C TYR C 116 -14.02 7.26 -3.71
N ASN C 117 -13.32 6.38 -3.01
CA ASN C 117 -12.34 5.50 -3.64
C ASN C 117 -12.32 4.13 -2.97
N GLU C 118 -12.87 3.13 -3.65
CA GLU C 118 -12.94 1.78 -3.09
C GLU C 118 -11.58 1.19 -2.74
N GLY C 119 -10.60 1.46 -3.60
CA GLY C 119 -9.26 0.90 -3.38
C GLY C 119 -8.57 1.38 -2.12
N ALA C 120 -8.72 2.67 -1.85
CA ALA C 120 -8.12 3.28 -0.66
C ALA C 120 -8.70 2.62 0.62
N LEU C 121 -10.02 2.52 0.69
CA LEU C 121 -10.68 1.94 1.86
C LEU C 121 -10.22 0.53 2.13
N LEU C 122 -10.25 -0.32 1.11
CA LEU C 122 -9.83 -1.71 1.24
C LEU C 122 -8.44 -1.81 1.82
N TYR C 123 -7.54 -0.94 1.35
CA TYR C 123 -6.18 -1.00 1.87
C TYR C 123 -6.15 -0.66 3.37
N SER C 124 -6.93 0.33 3.79
CA SER C 124 -6.94 0.65 5.21
C SER C 124 -7.51 -0.51 6.04
N ILE C 125 -8.58 -1.11 5.55
CA ILE C 125 -9.21 -2.23 6.26
C ILE C 125 -8.16 -3.35 6.44
N ALA C 126 -7.38 -3.55 5.40
CA ALA C 126 -6.32 -4.56 5.39
C ALA C 126 -5.35 -4.31 6.53
N ASN C 127 -5.29 -3.06 6.99
CA ASN C 127 -4.37 -2.74 8.08
C ASN C 127 -5.01 -2.71 9.44
N GLN C 128 -6.26 -2.27 9.50
CA GLN C 128 -6.95 -2.19 10.78
C GLN C 128 -8.42 -1.85 10.55
N PRO C 129 -9.27 -2.05 11.58
CA PRO C 129 -10.70 -1.73 11.43
C PRO C 129 -10.81 -0.24 11.10
N VAL C 130 -11.78 0.15 10.28
CA VAL C 130 -11.95 1.54 9.87
C VAL C 130 -13.37 2.03 10.09
N SER C 131 -13.50 3.30 10.45
CA SER C 131 -14.80 3.92 10.67
C SER C 131 -15.31 4.44 9.33
N VAL C 132 -16.52 4.02 9.00
CA VAL C 132 -17.13 4.36 7.74
C VAL C 132 -18.57 4.78 7.94
N VAL C 133 -19.09 5.52 6.98
CA VAL C 133 -20.45 5.98 7.07
C VAL C 133 -21.25 5.49 5.87
N LEU C 134 -22.57 5.62 5.94
CA LEU C 134 -23.46 5.18 4.86
C LEU C 134 -24.91 5.55 5.17
N GLU C 135 -25.77 5.33 4.19
CA GLU C 135 -27.18 5.62 4.37
C GLU C 135 -27.88 4.37 4.90
N ALA C 136 -28.32 4.42 6.15
CA ALA C 136 -28.98 3.25 6.73
C ALA C 136 -30.46 3.50 7.01
N ALA C 137 -30.97 4.70 6.74
CA ALA C 137 -32.36 5.00 7.04
C ALA C 137 -33.33 4.22 6.17
N GLY C 138 -32.84 3.64 5.08
CA GLY C 138 -33.67 2.90 4.15
C GLY C 138 -34.26 1.62 4.70
N LYS C 139 -35.51 1.36 4.33
CA LYS C 139 -36.23 0.18 4.78
C LYS C 139 -35.49 -1.15 4.51
N ASP C 140 -34.80 -1.26 3.39
CA ASP C 140 -34.11 -2.51 3.11
C ASP C 140 -32.95 -2.74 4.05
N PHE C 141 -32.21 -1.67 4.34
CA PHE C 141 -31.08 -1.82 5.25
C PHE C 141 -31.55 -2.29 6.64
N GLN C 142 -32.69 -1.76 7.09
CA GLN C 142 -33.25 -2.14 8.39
C GLN C 142 -33.55 -3.63 8.36
N LEU C 143 -34.11 -4.10 7.25
CA LEU C 143 -34.49 -5.50 7.11
C LEU C 143 -33.42 -6.47 6.59
N TYR C 144 -32.17 -6.01 6.54
CA TYR C 144 -31.10 -6.89 6.07
C TYR C 144 -31.03 -8.07 7.02
N ARG C 145 -30.86 -9.26 6.47
CA ARG C 145 -30.82 -10.48 7.27
C ARG C 145 -29.58 -11.34 7.03
N GLY C 146 -28.79 -11.03 6.02
CA GLY C 146 -27.59 -11.83 5.76
C GLY C 146 -27.28 -11.81 4.28
N GLY C 147 -26.21 -12.47 3.87
CA GLY C 147 -25.85 -12.49 2.45
C GLY C 147 -25.24 -11.16 2.02
N ILE C 148 -25.20 -10.91 0.71
CA ILE C 148 -24.63 -9.67 0.19
C ILE C 148 -25.69 -8.60 0.07
N PHE C 149 -25.48 -7.45 0.69
CA PHE C 149 -26.43 -6.37 0.60
C PHE C 149 -26.06 -5.48 -0.60
N VAL C 150 -27.00 -5.29 -1.52
CA VAL C 150 -26.77 -4.48 -2.72
C VAL C 150 -27.69 -3.30 -2.70
N GLY C 151 -28.52 -3.24 -1.66
CA GLY C 151 -29.48 -2.14 -1.53
C GLY C 151 -30.90 -2.65 -1.70
N PRO C 152 -31.83 -1.82 -2.18
CA PRO C 152 -31.63 -0.41 -2.55
C PRO C 152 -31.16 0.47 -1.38
N CYS C 153 -30.60 1.63 -1.72
CA CYS C 153 -30.15 2.62 -0.74
C CYS C 153 -29.48 3.76 -1.47
N GLY C 154 -29.68 4.98 -0.98
CA GLY C 154 -29.08 6.14 -1.60
C GLY C 154 -27.69 6.34 -1.05
N ASN C 155 -27.09 7.50 -1.26
CA ASN C 155 -25.77 7.72 -0.72
C ASN C 155 -25.79 8.87 0.26
N LYS C 156 -27.00 9.20 0.74
CA LYS C 156 -27.19 10.26 1.73
C LYS C 156 -26.84 9.67 3.09
N VAL C 157 -25.54 9.56 3.38
CA VAL C 157 -25.07 8.96 4.61
C VAL C 157 -25.73 9.52 5.88
N ASP C 158 -25.98 8.65 6.85
CA ASP C 158 -26.64 9.07 8.09
C ASP C 158 -26.27 8.19 9.29
N HIS C 159 -25.43 7.19 9.04
CA HIS C 159 -25.07 6.23 10.06
C HIS C 159 -23.58 5.87 10.00
N ALA C 160 -22.92 5.88 11.16
CA ALA C 160 -21.51 5.54 11.19
C ALA C 160 -21.36 4.13 11.78
N VAL C 161 -20.53 3.31 11.14
CA VAL C 161 -20.28 1.94 11.58
C VAL C 161 -18.80 1.66 11.34
N ALA C 162 -18.38 0.42 11.55
CA ALA C 162 -16.99 0.05 11.33
C ALA C 162 -16.80 -1.19 10.43
N ALA C 163 -15.98 -1.03 9.40
CA ALA C 163 -15.64 -2.12 8.49
C ALA C 163 -14.44 -2.83 9.14
N VAL C 164 -14.62 -4.10 9.46
CA VAL C 164 -13.57 -4.92 10.08
C VAL C 164 -13.02 -6.02 9.13
N GLY C 165 -13.31 -5.89 7.84
CA GLY C 165 -12.83 -6.88 6.90
C GLY C 165 -13.46 -6.67 5.54
N TYR C 166 -13.24 -7.60 4.61
CA TYR C 166 -13.80 -7.52 3.27
C TYR C 166 -13.56 -8.83 2.48
N GLY C 167 -14.19 -8.94 1.32
CA GLY C 167 -14.02 -10.13 0.50
C GLY C 167 -13.98 -9.67 -0.95
N PRO C 168 -13.97 -10.57 -1.93
CA PRO C 168 -13.93 -10.22 -3.36
C PRO C 168 -15.08 -9.31 -3.81
N ASN C 169 -16.29 -9.57 -3.30
CA ASN C 169 -17.43 -8.73 -3.68
C ASN C 169 -18.16 -8.04 -2.52
N TYR C 170 -17.48 -7.87 -1.37
CA TYR C 170 -18.10 -7.24 -0.21
C TYR C 170 -17.09 -6.68 0.79
N ILE C 171 -17.60 -5.88 1.71
CA ILE C 171 -16.83 -5.31 2.80
C ILE C 171 -17.54 -5.72 4.12
N LEU C 172 -16.81 -6.33 5.04
CA LEU C 172 -17.38 -6.75 6.30
C LEU C 172 -17.61 -5.57 7.28
N ILE C 173 -18.87 -5.31 7.63
CA ILE C 173 -19.24 -4.22 8.53
C ILE C 173 -19.84 -4.71 9.86
N LYS C 174 -19.35 -4.13 10.96
CA LYS C 174 -19.86 -4.44 12.30
C LYS C 174 -20.83 -3.30 12.65
N ASN C 175 -22.11 -3.65 12.84
CA ASN C 175 -23.12 -2.65 13.18
C ASN C 175 -23.28 -2.62 14.68
N SER C 176 -23.95 -1.57 15.15
CA SER C 176 -24.16 -1.37 16.57
C SER C 176 -25.66 -1.46 16.90
N TRP C 177 -26.38 -2.36 16.20
CA TRP C 177 -27.81 -2.53 16.43
C TRP C 177 -28.16 -3.85 17.08
N GLY C 178 -27.20 -4.44 17.78
CA GLY C 178 -27.44 -5.70 18.44
C GLY C 178 -27.23 -6.86 17.49
N THR C 179 -27.10 -8.07 18.06
CA THR C 179 -26.89 -9.29 17.27
C THR C 179 -28.20 -9.80 16.66
N GLY C 180 -29.26 -9.02 16.80
CA GLY C 180 -30.55 -9.40 16.26
C GLY C 180 -30.76 -8.78 14.90
N TRP C 181 -29.90 -7.84 14.54
CA TRP C 181 -30.00 -7.21 13.23
C TRP C 181 -28.99 -7.85 12.29
N GLY C 182 -29.34 -7.94 11.01
CA GLY C 182 -28.44 -8.50 10.01
C GLY C 182 -27.93 -9.89 10.35
N GLU C 183 -26.66 -10.13 10.04
CA GLU C 183 -25.99 -11.41 10.30
C GLU C 183 -25.32 -11.33 11.66
N ASN C 184 -26.07 -11.62 12.71
CA ASN C 184 -25.52 -11.53 14.07
C ASN C 184 -24.91 -10.13 14.28
N GLY C 185 -25.57 -9.09 13.77
CA GLY C 185 -25.05 -7.74 13.97
C GLY C 185 -24.12 -7.20 12.89
N TYR C 186 -23.75 -8.05 11.94
CA TYR C 186 -22.85 -7.68 10.84
C TYR C 186 -23.60 -7.62 9.52
N ILE C 187 -23.01 -6.93 8.55
CA ILE C 187 -23.61 -6.81 7.23
C ILE C 187 -22.51 -6.82 6.19
N ARG C 188 -22.72 -7.56 5.11
CA ARG C 188 -21.75 -7.61 4.02
C ARG C 188 -22.29 -6.76 2.89
N ILE C 189 -21.72 -5.58 2.73
CA ILE C 189 -22.17 -4.67 1.70
C ILE C 189 -21.45 -4.92 0.39
N LYS C 190 -22.22 -4.81 -0.68
CA LYS C 190 -21.75 -5.02 -2.04
C LYS C 190 -20.70 -4.00 -2.45
N ARG C 191 -19.61 -4.50 -3.02
CA ARG C 191 -18.52 -3.63 -3.48
C ARG C 191 -18.11 -4.00 -4.92
N GLY C 192 -17.80 -2.98 -5.72
CA GLY C 192 -17.38 -3.22 -7.08
C GLY C 192 -18.39 -2.77 -8.12
N THR C 193 -19.30 -1.90 -7.71
CA THR C 193 -20.34 -1.41 -8.61
C THR C 193 -19.85 -0.26 -9.48
N GLY C 194 -18.63 0.19 -9.23
CA GLY C 194 -18.10 1.28 -10.03
C GLY C 194 -18.68 2.62 -9.62
N ASN C 195 -19.58 2.62 -8.65
CA ASN C 195 -20.17 3.86 -8.18
C ASN C 195 -19.12 4.51 -7.27
N SER C 196 -18.79 5.77 -7.54
CA SER C 196 -17.79 6.48 -6.72
C SER C 196 -18.29 6.59 -5.28
N TYR C 197 -19.55 7.00 -5.11
CA TYR C 197 -20.16 7.13 -3.79
C TYR C 197 -20.04 5.84 -2.97
N GLY C 198 -20.10 4.70 -3.67
CA GLY C 198 -20.03 3.41 -3.00
C GLY C 198 -21.47 2.98 -2.71
N VAL C 199 -21.70 1.69 -2.47
CA VAL C 199 -23.05 1.21 -2.18
C VAL C 199 -23.53 1.86 -0.88
N CYS C 200 -24.70 2.51 -0.91
CA CYS C 200 -25.25 3.20 0.25
C CYS C 200 -24.28 4.29 0.69
N GLY C 201 -23.55 4.85 -0.27
CA GLY C 201 -22.57 5.91 0.00
C GLY C 201 -21.42 5.53 0.92
N LEU C 202 -21.13 4.24 1.01
CA LEU C 202 -20.08 3.67 1.88
C LEU C 202 -18.67 4.28 1.82
N TYR C 203 -18.40 5.08 0.79
CA TYR C 203 -17.07 5.66 0.66
C TYR C 203 -17.04 7.17 0.89
N THR C 204 -18.12 7.71 1.44
CA THR C 204 -18.21 9.15 1.70
C THR C 204 -17.21 9.76 2.73
N SER C 205 -17.01 9.10 3.87
CA SER C 205 -16.15 9.65 4.91
C SER C 205 -15.65 8.53 5.82
N SER C 206 -14.40 8.12 5.70
CA SER C 206 -13.90 7.04 6.54
C SER C 206 -12.62 7.46 7.25
N PHE C 207 -12.54 7.20 8.55
CA PHE C 207 -11.36 7.57 9.33
C PHE C 207 -10.83 6.39 10.14
N TYR C 208 -9.59 6.49 10.61
CA TYR C 208 -9.05 5.46 11.47
C TYR C 208 -8.04 6.01 12.47
N PRO C 209 -7.91 5.34 13.63
CA PRO C 209 -6.97 5.80 14.66
C PRO C 209 -5.53 5.40 14.36
N VAL C 210 -4.59 6.22 14.83
CA VAL C 210 -3.17 5.93 14.66
C VAL C 210 -2.58 5.65 16.04
N LYS C 211 -1.70 4.66 16.14
CA LYS C 211 -1.08 4.31 17.40
C LYS C 211 0.33 3.82 17.09
N ASN C 212 1.33 4.35 17.80
CA ASN C 212 2.72 3.96 17.56
C ASN C 212 3.21 2.80 18.43
N ALA D 1 -23.83 17.18 13.57
CA ALA D 1 -24.72 16.06 13.97
C ALA D 1 -24.80 15.07 12.81
N LEU D 2 -23.98 15.32 11.80
CA LEU D 2 -23.91 14.49 10.61
C LEU D 2 -24.41 13.05 10.77
N MET D 3 -23.71 12.25 11.57
CA MET D 3 -24.09 10.84 11.74
C MET D 3 -25.06 10.62 12.92
N GLY D 4 -26.13 9.86 12.65
CA GLY D 4 -27.11 9.60 13.70
C GLY D 4 -27.86 10.87 14.06
N GLY D 5 -27.85 11.84 13.14
CA GLY D 5 -28.53 13.10 13.33
C GLY D 5 -29.97 13.08 12.84
N ILE D 6 -30.74 14.09 13.22
CA ILE D 6 -32.15 14.20 12.84
C ILE D 6 -32.26 15.07 11.59
N VAL D 7 -32.84 14.53 10.53
CA VAL D 7 -33.01 15.29 9.30
C VAL D 7 -34.44 15.16 8.76
N ASP D 8 -34.96 16.26 8.21
CA ASP D 8 -36.31 16.27 7.65
C ASP D 8 -36.35 15.47 6.34
N SER D 15 -45.11 9.95 3.33
CA SER D 15 -46.38 9.63 3.97
C SER D 15 -46.53 8.12 4.05
N ALA D 16 -47.76 7.64 4.17
CA ALA D 16 -48.05 6.22 4.24
C ALA D 16 -47.63 5.59 5.55
N GLU D 17 -46.36 5.18 5.63
CA GLU D 17 -45.89 4.59 6.87
C GLU D 17 -45.80 5.66 7.94
N VAL D 18 -45.37 6.86 7.53
CA VAL D 18 -45.22 7.99 8.44
C VAL D 18 -46.56 8.47 8.98
N GLU D 19 -47.62 8.22 8.20
CA GLU D 19 -48.97 8.62 8.60
C GLU D 19 -49.48 7.65 9.64
N GLU D 20 -49.27 6.36 9.43
CA GLU D 20 -49.73 5.38 10.39
C GLU D 20 -48.94 5.56 11.70
N LEU D 21 -47.63 5.83 11.61
CA LEU D 21 -46.84 6.02 12.82
C LEU D 21 -47.36 7.21 13.62
N ALA D 22 -47.81 8.25 12.93
CA ALA D 22 -48.35 9.41 13.60
C ALA D 22 -49.64 9.01 14.34
N ARG D 23 -50.45 8.14 13.73
CA ARG D 23 -51.69 7.67 14.39
C ARG D 23 -51.33 6.74 15.54
N PHE D 24 -50.35 5.88 15.29
CA PHE D 24 -49.89 4.96 16.30
C PHE D 24 -49.42 5.74 17.52
N ALA D 25 -48.80 6.89 17.29
CA ALA D 25 -48.27 7.67 18.43
C ALA D 25 -49.41 8.12 19.32
N VAL D 26 -50.39 8.74 18.69
CA VAL D 26 -51.55 9.22 19.40
C VAL D 26 -52.27 8.06 20.12
N ASP D 27 -52.47 6.92 19.43
CA ASP D 27 -53.16 5.77 20.04
C ASP D 27 -52.37 5.22 21.20
N GLU D 28 -51.06 5.06 21.01
CA GLU D 28 -50.21 4.52 22.07
C GLU D 28 -50.26 5.44 23.29
N HIS D 29 -50.29 6.75 23.07
CA HIS D 29 -50.37 7.69 24.16
C HIS D 29 -51.71 7.56 24.88
N ASN D 30 -52.78 7.44 24.12
CA ASN D 30 -54.08 7.29 24.76
C ASN D 30 -54.14 6.01 25.59
N LYS D 31 -53.59 4.92 25.04
CA LYS D 31 -53.60 3.63 25.73
C LYS D 31 -52.85 3.62 27.05
N LYS D 32 -51.62 4.08 27.05
CA LYS D 32 -50.87 4.02 28.29
C LYS D 32 -51.33 5.05 29.29
N GLU D 33 -51.95 6.12 28.85
CA GLU D 33 -52.37 7.11 29.82
C GLU D 33 -53.89 7.26 29.97
N ASN D 34 -54.62 6.35 29.33
CA ASN D 34 -56.08 6.38 29.38
C ASN D 34 -56.65 7.73 28.93
N ALA D 35 -56.11 8.24 27.83
CA ALA D 35 -56.54 9.54 27.32
C ALA D 35 -57.39 9.38 26.06
N LEU D 36 -58.04 10.45 25.63
CA LEU D 36 -58.89 10.39 24.45
C LEU D 36 -58.50 11.41 23.38
N LEU D 37 -57.19 11.54 23.14
CA LEU D 37 -56.71 12.46 22.12
C LEU D 37 -57.19 11.95 20.75
N GLN D 38 -57.51 12.87 19.85
CA GLN D 38 -57.96 12.48 18.54
C GLN D 38 -57.02 13.06 17.48
N PHE D 39 -56.38 12.17 16.74
CA PHE D 39 -55.45 12.53 15.67
C PHE D 39 -56.15 13.40 14.67
N SER D 40 -55.51 14.50 14.29
CA SER D 40 -56.06 15.45 13.31
C SER D 40 -55.28 15.39 12.02
N ARG D 41 -53.95 15.46 12.13
CA ARG D 41 -53.07 15.42 10.96
C ARG D 41 -51.58 15.56 11.30
N LEU D 42 -50.73 15.07 10.41
CA LEU D 42 -49.28 15.17 10.57
C LEU D 42 -48.79 16.52 10.05
N VAL D 43 -48.32 17.38 10.96
CA VAL D 43 -47.84 18.70 10.59
C VAL D 43 -46.49 18.65 9.85
N LYS D 44 -45.52 18.00 10.48
CA LYS D 44 -44.18 17.86 9.94
C LYS D 44 -43.59 16.51 10.38
N ALA D 45 -42.57 16.05 9.67
CA ALA D 45 -41.95 14.78 10.01
C ALA D 45 -40.45 14.80 9.74
N LYS D 46 -39.68 14.27 10.70
CA LYS D 46 -38.24 14.20 10.60
C LYS D 46 -37.84 12.81 11.03
N GLN D 47 -36.65 12.38 10.65
CA GLN D 47 -36.22 11.08 11.09
C GLN D 47 -34.75 11.03 11.48
N GLN D 48 -34.42 10.08 12.33
CA GLN D 48 -33.07 9.96 12.79
C GLN D 48 -32.72 8.50 12.93
N VAL D 49 -31.50 8.17 12.49
CA VAL D 49 -31.05 6.80 12.57
C VAL D 49 -30.45 6.55 13.97
N VAL D 50 -30.99 5.57 14.67
CA VAL D 50 -30.45 5.19 15.97
C VAL D 50 -30.29 3.70 15.76
N SER D 51 -30.58 2.88 16.76
CA SER D 51 -30.56 1.44 16.52
C SER D 51 -31.94 1.28 15.91
N GLY D 52 -32.02 1.54 14.62
CA GLY D 52 -33.29 1.48 13.92
C GLY D 52 -33.61 2.92 13.55
N ILE D 53 -34.86 3.29 13.48
CA ILE D 53 -35.17 4.67 13.15
C ILE D 53 -35.98 5.34 14.26
N MET D 54 -35.70 6.61 14.52
CA MET D 54 -36.44 7.37 15.52
C MET D 54 -37.14 8.45 14.73
N HIS D 55 -38.47 8.42 14.76
CA HIS D 55 -39.26 9.40 14.05
C HIS D 55 -39.63 10.54 14.98
N HIS D 56 -39.37 11.76 14.53
CA HIS D 56 -39.69 12.96 15.30
C HIS D 56 -40.89 13.59 14.58
N LEU D 57 -42.10 13.24 15.00
CA LEU D 57 -43.30 13.74 14.34
C LEU D 57 -44.00 14.86 15.07
N THR D 58 -44.40 15.90 14.34
CA THR D 58 -45.15 17.00 14.93
C THR D 58 -46.59 16.68 14.51
N VAL D 59 -47.45 16.36 15.47
CA VAL D 59 -48.83 15.98 15.15
C VAL D 59 -49.91 16.91 15.75
N GLU D 60 -50.91 17.16 14.94
CA GLU D 60 -52.01 17.99 15.36
C GLU D 60 -53.08 17.02 15.82
N VAL D 61 -53.64 17.27 17.00
CA VAL D 61 -54.68 16.41 17.51
C VAL D 61 -55.82 17.29 17.98
N ILE D 62 -56.91 16.65 18.35
CA ILE D 62 -58.06 17.36 18.86
C ILE D 62 -58.34 16.88 20.27
N GLU D 63 -58.32 17.79 21.24
CA GLU D 63 -58.64 17.44 22.62
C GLU D 63 -59.49 18.54 23.25
N GLY D 64 -60.63 18.16 23.82
CA GLY D 64 -61.51 19.13 24.41
C GLY D 64 -62.14 20.01 23.33
N GLY D 65 -62.21 19.46 22.11
CA GLY D 65 -62.79 20.22 21.02
C GLY D 65 -61.81 21.20 20.42
N LYS D 66 -60.61 21.28 20.98
CA LYS D 66 -59.60 22.20 20.46
C LYS D 66 -58.43 21.44 19.84
N LYS D 67 -57.90 21.99 18.76
CA LYS D 67 -56.76 21.35 18.10
C LYS D 67 -55.48 21.85 18.76
N LYS D 68 -54.64 20.90 19.14
CA LYS D 68 -53.37 21.20 19.79
C LYS D 68 -52.25 20.46 19.07
N VAL D 69 -51.05 21.02 19.11
CA VAL D 69 -49.95 20.38 18.41
C VAL D 69 -49.02 19.69 19.41
N TYR D 70 -48.63 18.47 19.07
CA TYR D 70 -47.74 17.68 19.91
C TYR D 70 -46.51 17.22 19.16
N GLU D 71 -45.49 16.89 19.91
CA GLU D 71 -44.25 16.37 19.34
C GLU D 71 -44.12 14.94 19.84
N ALA D 72 -43.97 13.99 18.93
CA ALA D 72 -43.83 12.60 19.38
C ALA D 72 -42.57 12.00 18.80
N LYS D 73 -42.02 11.00 19.49
CA LYS D 73 -40.85 10.28 19.01
C LYS D 73 -41.22 8.81 18.98
N VAL D 74 -41.24 8.24 17.78
CA VAL D 74 -41.60 6.83 17.61
C VAL D 74 -40.35 6.04 17.23
N TRP D 75 -39.98 5.10 18.07
CA TRP D 75 -38.77 4.31 17.85
C TRP D 75 -39.13 3.02 17.12
N VAL D 76 -38.67 2.91 15.89
CA VAL D 76 -38.97 1.76 15.05
C VAL D 76 -37.79 0.86 14.74
N GLN D 77 -37.88 -0.40 15.16
CA GLN D 77 -36.86 -1.36 14.84
C GLN D 77 -37.60 -2.41 13.97
N ALA D 78 -37.66 -2.13 12.67
CA ALA D 78 -38.36 -2.97 11.71
C ALA D 78 -38.04 -4.46 11.74
N TRP D 79 -36.79 -4.82 11.99
CA TRP D 79 -36.39 -6.21 12.03
C TRP D 79 -36.85 -6.94 13.28
N LEU D 80 -37.79 -6.32 13.98
CA LEU D 80 -38.35 -6.90 15.18
C LEU D 80 -39.84 -6.57 15.24
N ASN D 81 -40.34 -6.03 14.13
CA ASN D 81 -41.76 -5.64 14.03
C ASN D 81 -42.07 -4.89 15.33
N SER D 82 -41.18 -3.99 15.68
CA SER D 82 -41.34 -3.22 16.89
C SER D 82 -41.40 -1.73 16.66
N LYS D 83 -42.39 -1.10 17.22
CA LYS D 83 -42.53 0.34 17.12
C LYS D 83 -42.96 0.82 18.51
N LYS D 84 -42.15 1.68 19.11
CA LYS D 84 -42.45 2.17 20.44
C LYS D 84 -42.56 3.69 20.47
N LEU D 85 -43.48 4.16 21.32
CA LEU D 85 -43.67 5.58 21.52
C LEU D 85 -42.56 5.89 22.52
N HIS D 86 -41.59 6.69 22.10
CA HIS D 86 -40.47 7.02 22.95
C HIS D 86 -40.76 8.24 23.79
N GLU D 87 -41.49 9.19 23.21
CA GLU D 87 -41.79 10.43 23.90
C GLU D 87 -43.01 11.09 23.28
N PHE D 88 -43.74 11.84 24.08
CA PHE D 88 -44.94 12.46 23.58
C PHE D 88 -45.23 13.64 24.48
N SER D 89 -45.22 14.85 23.90
CA SER D 89 -45.51 16.06 24.67
C SER D 89 -45.89 17.18 23.72
N PRO D 90 -46.52 18.24 24.26
CA PRO D 90 -46.93 19.39 23.45
C PRO D 90 -45.74 20.22 23.02
N ILE D 91 -45.86 20.89 21.88
CA ILE D 91 -44.78 21.74 21.40
C ILE D 91 -44.63 22.95 22.32
#